data_4CNP
#
_entry.id   4CNP
#
_cell.length_a   60.216
_cell.length_b   44.473
_cell.length_c   84.702
_cell.angle_alpha   90.00
_cell.angle_beta   95.20
_cell.angle_gamma   90.00
#
_symmetry.space_group_name_H-M   'P 1 21 1'
#
loop_
_entity.id
_entity.type
_entity.pdbx_description
1 polymer '3-DEHYDROQUINATE DEHYDRATASE'
2 non-polymer '(2S)-2-HYDROXY-3-EPIQUINIC ACID'
3 non-polymer 'SODIUM ION'
4 non-polymer 'CHLORIDE ION'
5 water water
#
_entity_poly.entity_id   1
_entity_poly.type   'polypeptide(L)'
_entity_poly.pdbx_seq_one_letter_code
;MKTVTVKNLIIGEGMPKIIVSLMGRDINSVKAEALAYREATFDILEWRVDHFMDIASTQSVLTAARVIRDAMPDIPLLFT
FRSAKEGGEQTITTQHYLTLNRAAIDSGLVDMIDLELFTGDADVKATVDYAHAHNVYVVMSNHDFHQTPSAEEMVLRLRK
MQALGADIPKIAVMPQSKHDVLTLLTATLEMQQHYADRPVITMSMAKEGVISRLAGEVFGSAATFGAVKQASAPGQIAVN
DLRSVLMILHNA
;
_entity_poly.pdbx_strand_id   A,B
#
loop_
_chem_comp.id
_chem_comp.type
_chem_comp.name
_chem_comp.formula
9C4 non-polymer '(2S)-2-HYDROXY-3-EPIQUINIC ACID' 'C7 H12 O7'
CL non-polymer 'CHLORIDE ION' 'Cl -1'
NA non-polymer 'SODIUM ION' 'Na 1'
#
# COMPACT_ATOMS: atom_id res chain seq x y z
N MET A 1 -7.95 21.96 -2.60
CA MET A 1 -8.79 21.18 -1.65
C MET A 1 -9.55 22.11 -0.72
N LYS A 2 -10.87 21.97 -0.70
CA LYS A 2 -11.65 22.38 0.45
C LYS A 2 -12.19 21.17 1.22
C LYS A 2 -12.04 21.10 1.17
N THR A 3 -11.79 21.07 2.47
N THR A 3 -11.86 21.10 2.48
CA THR A 3 -12.13 19.94 3.31
C THR A 3 -13.62 19.91 3.70
N VAL A 4 -14.02 18.79 4.30
CA VAL A 4 -15.34 18.62 4.86
C VAL A 4 -15.15 18.31 6.34
N THR A 5 -15.63 19.19 7.20
CA THR A 5 -15.46 19.05 8.64
C THR A 5 -16.78 18.68 9.26
N VAL A 6 -16.79 17.58 10.00
CA VAL A 6 -17.96 17.12 10.74
C VAL A 6 -17.54 16.81 12.17
N LYS A 7 -18.17 17.47 13.13
CA LYS A 7 -17.89 17.20 14.55
C LYS A 7 -16.39 17.11 14.83
N ASN A 8 -15.69 18.13 14.38
CA ASN A 8 -14.24 18.30 14.61
C ASN A 8 -13.35 17.35 13.81
N LEU A 9 -13.92 16.51 12.95
CA LEU A 9 -13.15 15.63 12.08
C LEU A 9 -12.96 16.32 10.75
N ILE A 10 -11.71 16.48 10.30
CA ILE A 10 -11.41 17.13 9.05
C ILE A 10 -11.16 16.08 7.97
N ILE A 11 -12.12 15.91 7.08
CA ILE A 11 -12.01 14.95 5.99
C ILE A 11 -11.38 15.65 4.80
N GLY A 12 -10.28 15.09 4.30
CA GLY A 12 -9.60 15.65 3.14
C GLY A 12 -8.22 16.20 3.44
N GLU A 13 -7.76 16.07 4.67
CA GLU A 13 -6.37 16.32 4.95
C GLU A 13 -5.86 15.37 6.01
N GLY A 14 -4.54 15.34 6.13
CA GLY A 14 -3.89 14.43 7.04
C GLY A 14 -4.12 12.98 6.66
N MET A 15 -4.20 12.14 7.67
CA MET A 15 -4.37 10.72 7.48
C MET A 15 -5.80 10.42 7.03
N PRO A 16 -5.98 9.44 6.13
CA PRO A 16 -7.33 9.05 5.77
C PRO A 16 -8.16 8.67 6.99
N LYS A 17 -9.44 9.02 6.97
CA LYS A 17 -10.31 8.78 8.08
C LYS A 17 -10.93 7.40 7.98
N ILE A 18 -11.06 6.75 9.13
CA ILE A 18 -11.54 5.38 9.23
C ILE A 18 -13.04 5.33 9.49
N ILE A 19 -13.74 4.65 8.61
CA ILE A 19 -15.19 4.47 8.67
C ILE A 19 -15.43 3.03 9.04
N VAL A 20 -16.31 2.82 10.02
CA VAL A 20 -16.81 1.48 10.32
C VAL A 20 -18.32 1.48 10.13
N SER A 21 -18.85 0.33 9.74
CA SER A 21 -20.27 0.19 9.47
C SER A 21 -20.98 -0.61 10.54
N LEU A 22 -22.16 -0.16 10.90
N LEU A 22 -22.11 -0.04 11.00
CA LEU A 22 -23.01 -0.84 11.85
CA LEU A 22 -23.11 -0.73 11.82
C LEU A 22 -24.16 -1.51 11.04
C LEU A 22 -24.01 -1.52 10.96
N MET A 23 -24.43 -2.80 11.31
N MET A 23 -24.12 -2.80 11.27
CA MET A 23 -25.23 -3.67 10.40
CA MET A 23 -25.06 -3.66 10.59
C MET A 23 -26.39 -4.51 10.96
C MET A 23 -25.84 -4.37 11.69
N GLY A 24 -26.96 -4.06 12.07
N GLY A 24 -27.13 -4.17 11.70
CA GLY A 24 -27.98 -4.84 12.77
CA GLY A 24 -27.97 -4.83 12.69
C GLY A 24 -29.36 -4.91 12.14
N ARG A 25 -30.09 -5.94 12.53
CA ARG A 25 -31.40 -6.14 11.92
CA ARG A 25 -31.42 -6.26 12.03
C ARG A 25 -32.51 -5.34 12.60
N ASP A 26 -32.32 -4.95 13.85
CA ASP A 26 -33.41 -4.40 14.65
C ASP A 26 -32.81 -3.54 15.75
N ILE A 27 -33.66 -2.94 16.58
CA ILE A 27 -33.18 -2.03 17.61
C ILE A 27 -32.22 -2.70 18.56
N ASN A 28 -32.56 -3.88 19.04
CA ASN A 28 -31.69 -4.53 20.02
C ASN A 28 -30.33 -4.85 19.44
N SER A 29 -30.31 -5.30 18.18
CA SER A 29 -29.03 -5.65 17.58
C SER A 29 -28.21 -4.40 17.27
N VAL A 30 -28.85 -3.33 16.84
CA VAL A 30 -28.18 -2.05 16.64
C VAL A 30 -27.59 -1.53 17.97
N LYS A 31 -28.36 -1.63 19.05
CA LYS A 31 -27.82 -1.24 20.36
C LYS A 31 -26.61 -2.07 20.77
N ALA A 32 -26.67 -3.38 20.54
CA ALA A 32 -25.58 -4.24 20.92
C ALA A 32 -24.33 -3.91 20.11
N GLU A 33 -24.50 -3.63 18.82
CA GLU A 33 -23.36 -3.24 17.99
C GLU A 33 -22.77 -1.92 18.46
N ALA A 34 -23.62 -0.92 18.67
CA ALA A 34 -23.12 0.39 19.09
C ALA A 34 -22.33 0.26 20.39
N LEU A 35 -22.84 -0.56 21.31
CA LEU A 35 -22.15 -0.78 22.57
C LEU A 35 -20.79 -1.44 22.34
N ALA A 36 -20.76 -2.49 21.54
CA ALA A 36 -19.51 -3.18 21.26
C ALA A 36 -18.50 -2.24 20.61
N TYR A 37 -18.99 -1.33 19.77
CA TYR A 37 -18.12 -0.44 19.02
C TYR A 37 -17.47 0.62 19.92
N ARG A 38 -17.95 0.77 21.16
CA ARG A 38 -17.33 1.67 22.14
C ARG A 38 -15.87 1.29 22.37
N GLU A 39 -15.56 0.00 22.27
CA GLU A 39 -14.20 -0.50 22.49
C GLU A 39 -13.27 -0.32 21.29
N ALA A 40 -13.82 0.09 20.15
CA ALA A 40 -13.04 0.29 18.93
C ALA A 40 -12.67 1.75 18.74
N THR A 41 -11.66 1.99 17.89
CA THR A 41 -11.17 3.32 17.57
C THR A 41 -11.38 3.58 16.08
N PHE A 42 -12.18 4.59 15.75
CA PHE A 42 -12.49 4.93 14.37
C PHE A 42 -12.98 6.36 14.32
N ASP A 43 -13.14 6.88 13.11
CA ASP A 43 -13.47 8.29 12.92
C ASP A 43 -14.92 8.60 12.55
N ILE A 44 -15.54 7.71 11.78
CA ILE A 44 -16.88 7.90 11.25
C ILE A 44 -17.67 6.61 11.42
N LEU A 45 -18.92 6.73 11.86
CA LEU A 45 -19.83 5.60 11.96
C LEU A 45 -20.79 5.66 10.81
N GLU A 46 -20.82 4.61 10.00
CA GLU A 46 -21.81 4.44 8.94
C GLU A 46 -22.88 3.46 9.39
N TRP A 47 -24.14 3.86 9.32
CA TRP A 47 -25.23 2.92 9.53
C TRP A 47 -25.65 2.37 8.17
N ARG A 48 -25.47 1.05 7.98
CA ARG A 48 -25.91 0.36 6.78
C ARG A 48 -27.37 -0.05 6.93
N VAL A 49 -28.22 0.85 6.49
CA VAL A 49 -29.68 0.71 6.63
C VAL A 49 -30.22 -0.49 5.86
N ASP A 50 -29.57 -0.85 4.76
CA ASP A 50 -30.02 -2.01 3.99
C ASP A 50 -29.88 -3.34 4.73
N HIS A 51 -29.10 -3.39 5.80
CA HIS A 51 -29.03 -4.57 6.67
C HIS A 51 -30.19 -4.63 7.68
N PHE A 52 -30.93 -3.53 7.84
CA PHE A 52 -32.04 -3.46 8.81
C PHE A 52 -33.26 -4.19 8.27
N MET A 53 -34.04 -4.81 9.14
CA MET A 53 -35.18 -5.57 8.68
C MET A 53 -36.33 -4.65 8.28
N ASP A 54 -36.82 -3.84 9.23
CA ASP A 54 -38.02 -3.05 8.99
C ASP A 54 -37.69 -1.71 8.35
N ILE A 55 -37.29 -1.79 7.08
CA ILE A 55 -37.01 -0.59 6.30
C ILE A 55 -38.29 -0.02 5.68
N ALA A 56 -39.40 -0.76 5.72
CA ALA A 56 -40.65 -0.30 5.15
C ALA A 56 -41.21 0.91 5.91
N SER A 57 -41.04 0.92 7.23
CA SER A 57 -41.55 1.98 8.06
C SER A 57 -40.53 3.08 8.26
N THR A 58 -40.87 4.29 7.81
CA THR A 58 -40.04 5.44 8.05
C THR A 58 -39.86 5.68 9.54
N GLN A 59 -40.90 5.45 10.32
CA GLN A 59 -40.80 5.56 11.77
C GLN A 59 -39.77 4.58 12.36
N SER A 60 -39.81 3.33 11.93
CA SER A 60 -38.84 2.35 12.42
C SER A 60 -37.41 2.77 12.09
N VAL A 61 -37.19 3.23 10.86
CA VAL A 61 -35.87 3.65 10.45
C VAL A 61 -35.39 4.85 11.27
N LEU A 62 -36.25 5.85 11.46
CA LEU A 62 -35.84 7.00 12.25
C LEU A 62 -35.63 6.67 13.72
N THR A 63 -36.42 5.75 14.26
CA THR A 63 -36.21 5.35 15.65
C THR A 63 -34.84 4.72 15.82
N ALA A 64 -34.44 3.87 14.87
CA ALA A 64 -33.11 3.28 14.91
C ALA A 64 -32.01 4.34 14.75
N ALA A 65 -32.20 5.26 13.81
CA ALA A 65 -31.24 6.35 13.63
C ALA A 65 -31.08 7.15 14.93
N ARG A 66 -32.19 7.40 15.62
CA ARG A 66 -32.15 8.14 16.88
C ARG A 66 -31.39 7.36 17.95
N VAL A 67 -31.62 6.06 18.04
CA VAL A 67 -30.87 5.21 18.97
C VAL A 67 -29.37 5.32 18.70
N ILE A 68 -28.98 5.24 17.43
CA ILE A 68 -27.57 5.30 17.08
C ILE A 68 -26.98 6.67 17.41
N ARG A 69 -27.69 7.73 17.01
CA ARG A 69 -27.28 9.09 17.29
C ARG A 69 -27.07 9.30 18.79
N ASP A 70 -27.99 8.78 19.61
CA ASP A 70 -27.94 8.99 21.06
C ASP A 70 -26.89 8.08 21.70
N ALA A 71 -26.59 6.95 21.08
CA ALA A 71 -25.54 6.07 21.57
C ALA A 71 -24.15 6.67 21.40
N MET A 72 -23.96 7.36 20.27
N MET A 72 -23.96 7.36 20.27
CA MET A 72 -22.68 7.97 19.93
C MET A 72 -22.89 9.42 19.51
C MET A 72 -22.88 9.42 19.49
N PRO A 73 -23.19 10.29 20.45
CA PRO A 73 -23.55 11.67 20.12
C PRO A 73 -22.43 12.53 19.54
N ASP A 74 -21.19 12.12 19.72
CA ASP A 74 -20.07 12.95 19.30
C ASP A 74 -19.35 12.43 18.06
N ILE A 75 -19.86 11.34 17.47
CA ILE A 75 -19.22 10.74 16.30
C ILE A 75 -19.90 11.23 15.02
N PRO A 76 -19.14 11.57 13.96
CA PRO A 76 -19.76 11.78 12.65
C PRO A 76 -20.55 10.55 12.23
N LEU A 77 -21.82 10.76 11.86
CA LEU A 77 -22.74 9.68 11.54
C LEU A 77 -23.21 9.79 10.10
N LEU A 78 -22.93 8.75 9.35
CA LEU A 78 -23.25 8.61 7.92
C LEU A 78 -24.38 7.60 7.77
N PHE A 79 -25.48 8.03 7.15
CA PHE A 79 -26.65 7.20 6.84
C PHE A 79 -26.52 6.65 5.43
N THR A 80 -26.48 5.33 5.31
CA THR A 80 -26.28 4.69 4.03
C THR A 80 -27.25 3.56 3.79
N PHE A 81 -28.17 3.74 2.85
CA PHE A 81 -28.93 2.63 2.31
C PHE A 81 -28.25 2.21 1.02
N ARG A 82 -27.55 1.08 1.05
CA ARG A 82 -26.88 0.58 -0.15
C ARG A 82 -27.90 -0.29 -0.89
N SER A 83 -28.29 0.13 -2.10
CA SER A 83 -29.30 -0.60 -2.83
C SER A 83 -28.73 -1.91 -3.35
N ALA A 84 -29.58 -2.92 -3.40
N ALA A 84 -29.60 -2.84 -3.71
CA ALA A 84 -29.15 -4.19 -3.95
CA ALA A 84 -29.17 -4.15 -4.22
C ALA A 84 -28.67 -3.92 -5.37
C ALA A 84 -28.18 -4.16 -5.41
N LYS A 85 -29.24 -2.93 -6.03
N LYS A 85 -28.50 -3.43 -6.48
CA LYS A 85 -28.72 -2.51 -7.33
CA LYS A 85 -27.70 -3.51 -7.71
C LYS A 85 -27.17 -2.34 -7.28
C LYS A 85 -26.32 -2.96 -7.45
N GLU A 86 -26.62 -1.83 -6.18
N GLU A 86 -26.25 -2.05 -6.50
CA GLU A 86 -25.16 -1.54 -6.04
CA GLU A 86 -24.96 -1.55 -6.11
C GLU A 86 -24.37 -2.36 -4.98
N GLY A 87 -24.84 -3.59 -4.76
CA GLY A 87 -24.18 -4.50 -3.85
C GLY A 87 -24.76 -4.58 -2.46
N GLY A 88 -25.88 -3.90 -2.23
CA GLY A 88 -26.53 -3.92 -0.93
C GLY A 88 -27.35 -5.16 -0.66
N GLU A 89 -27.96 -5.20 0.53
CA GLU A 89 -28.55 -6.42 1.05
C GLU A 89 -29.99 -6.64 0.67
N GLN A 90 -30.68 -5.61 0.21
CA GLN A 90 -32.07 -5.79 -0.20
C GLN A 90 -32.46 -4.68 -1.18
N THR A 91 -33.56 -4.90 -1.87
CA THR A 91 -34.04 -3.93 -2.82
C THR A 91 -34.88 -2.86 -2.12
N ILE A 92 -35.06 -1.75 -2.81
CA ILE A 92 -35.87 -0.63 -2.36
C ILE A 92 -36.36 0.09 -3.59
N THR A 93 -37.55 0.65 -3.53
CA THR A 93 -38.01 1.48 -4.64
C THR A 93 -37.26 2.81 -4.60
N THR A 94 -37.10 3.46 -5.75
CA THR A 94 -36.46 4.76 -5.73
C THR A 94 -37.26 5.75 -4.89
N GLN A 95 -38.59 5.67 -4.92
CA GLN A 95 -39.38 6.60 -4.13
C GLN A 95 -39.18 6.37 -2.63
N HIS A 96 -39.13 5.11 -2.18
CA HIS A 96 -38.93 4.88 -0.75
C HIS A 96 -37.51 5.21 -0.31
N TYR A 97 -36.54 4.97 -1.17
CA TYR A 97 -35.15 5.41 -0.93
C TYR A 97 -35.12 6.92 -0.69
N LEU A 98 -35.83 7.64 -1.55
N LEU A 98 -35.82 7.68 -1.52
CA LEU A 98 -36.01 9.09 -1.43
CA LEU A 98 -35.88 9.12 -1.30
C LEU A 98 -36.63 9.48 -0.09
C LEU A 98 -36.59 9.48 0.00
N THR A 99 -37.70 8.81 0.30
CA THR A 99 -38.39 9.09 1.57
C THR A 99 -37.47 8.88 2.76
N LEU A 100 -36.78 7.75 2.81
CA LEU A 100 -35.90 7.49 3.94
C LEU A 100 -34.77 8.50 4.03
N ASN A 101 -34.14 8.80 2.90
CA ASN A 101 -33.05 9.77 2.95
CA ASN A 101 -33.06 9.79 2.83
C ASN A 101 -33.52 11.17 3.31
N ARG A 102 -34.66 11.62 2.77
CA ARG A 102 -35.18 12.95 3.14
C ARG A 102 -35.52 12.99 4.63
N ALA A 103 -36.12 11.91 5.14
CA ALA A 103 -36.48 11.86 6.55
C ALA A 103 -35.24 11.88 7.44
N ALA A 104 -34.21 11.14 7.06
CA ALA A 104 -32.96 11.15 7.79
C ALA A 104 -32.36 12.57 7.79
N ILE A 105 -32.35 13.20 6.61
CA ILE A 105 -31.82 14.55 6.47
C ILE A 105 -32.54 15.54 7.37
N ASP A 106 -33.87 15.57 7.31
CA ASP A 106 -34.60 16.64 7.99
C ASP A 106 -34.86 16.39 9.46
N SER A 107 -34.50 15.21 9.95
CA SER A 107 -34.63 14.78 11.35
CA SER A 107 -34.74 14.95 11.36
C SER A 107 -33.56 15.36 12.25
N GLY A 108 -32.46 15.78 11.63
CA GLY A 108 -31.30 16.26 12.37
C GLY A 108 -30.42 15.14 12.94
N LEU A 109 -30.75 13.89 12.64
CA LEU A 109 -30.12 12.74 13.31
C LEU A 109 -28.82 12.31 12.68
N VAL A 110 -28.52 12.77 11.47
CA VAL A 110 -27.33 12.31 10.77
C VAL A 110 -26.52 13.50 10.25
N ASP A 111 -25.22 13.32 10.17
CA ASP A 111 -24.32 14.37 9.68
C ASP A 111 -24.07 14.31 8.19
N MET A 112 -24.19 13.11 7.63
CA MET A 112 -23.89 12.82 6.26
C MET A 112 -24.87 11.77 5.77
N ILE A 113 -25.16 11.80 4.48
CA ILE A 113 -25.91 10.74 3.82
C ILE A 113 -25.16 10.26 2.61
N ASP A 114 -25.31 8.98 2.31
CA ASP A 114 -24.82 8.39 1.09
C ASP A 114 -25.93 8.42 0.06
N LEU A 115 -25.63 8.95 -1.11
CA LEU A 115 -26.58 9.04 -2.21
C LEU A 115 -25.98 8.41 -3.44
N GLU A 116 -26.63 7.41 -4.01
CA GLU A 116 -26.07 6.73 -5.17
C GLU A 116 -26.24 7.58 -6.44
N LEU A 117 -25.13 7.82 -7.14
CA LEU A 117 -25.09 8.60 -8.37
C LEU A 117 -26.13 8.14 -9.38
N PHE A 118 -26.27 6.83 -9.56
CA PHE A 118 -27.11 6.30 -10.63
C PHE A 118 -28.59 6.16 -10.23
N THR A 119 -28.99 6.80 -9.14
CA THR A 119 -30.39 6.78 -8.71
C THR A 119 -31.30 7.42 -9.74
N GLY A 120 -30.78 8.40 -10.46
CA GLY A 120 -31.57 9.17 -11.41
C GLY A 120 -31.34 10.64 -11.15
N ASP A 121 -31.14 11.43 -12.20
CA ASP A 121 -30.71 12.81 -11.99
C ASP A 121 -31.65 13.67 -11.22
N ALA A 122 -32.94 13.60 -11.51
CA ALA A 122 -33.88 14.45 -10.81
C ALA A 122 -33.83 14.14 -9.32
N ASP A 123 -33.86 12.86 -8.98
CA ASP A 123 -33.83 12.47 -7.58
C ASP A 123 -32.50 12.84 -6.90
N VAL A 124 -31.39 12.65 -7.59
CA VAL A 124 -30.09 13.00 -7.03
C VAL A 124 -30.02 14.51 -6.79
N LYS A 125 -30.36 15.31 -7.80
CA LYS A 125 -30.30 16.76 -7.63
C LYS A 125 -31.20 17.23 -6.51
N ALA A 126 -32.42 16.72 -6.46
CA ALA A 126 -33.35 17.15 -5.42
C ALA A 126 -32.83 16.78 -4.03
N THR A 127 -32.24 15.60 -3.91
CA THR A 127 -31.80 15.12 -2.61
C THR A 127 -30.53 15.82 -2.15
N VAL A 128 -29.63 16.13 -3.09
CA VAL A 128 -28.47 16.95 -2.77
C VAL A 128 -28.93 18.32 -2.24
N ASP A 129 -29.87 18.95 -2.92
CA ASP A 129 -30.36 20.25 -2.49
C ASP A 129 -31.00 20.17 -1.11
N TYR A 130 -31.77 19.11 -0.88
CA TYR A 130 -32.42 18.91 0.42
C TYR A 130 -31.39 18.74 1.53
N ALA A 131 -30.39 17.90 1.28
CA ALA A 131 -29.30 17.71 2.24
C ALA A 131 -28.63 19.02 2.58
N HIS A 132 -28.20 19.74 1.57
CA HIS A 132 -27.48 20.99 1.79
C HIS A 132 -28.32 22.02 2.52
N ALA A 133 -29.60 22.09 2.20
CA ALA A 133 -30.48 23.06 2.87
C ALA A 133 -30.60 22.78 4.37
N HIS A 134 -30.38 21.53 4.76
CA HIS A 134 -30.46 21.08 6.15
C HIS A 134 -29.09 20.85 6.78
N ASN A 135 -28.03 21.37 6.17
CA ASN A 135 -26.68 21.25 6.73
C ASN A 135 -26.23 19.80 6.90
N VAL A 136 -26.55 18.96 5.91
CA VAL A 136 -26.11 17.58 5.85
C VAL A 136 -25.21 17.42 4.63
N TYR A 137 -24.09 16.72 4.79
CA TYR A 137 -23.17 16.50 3.68
C TYR A 137 -23.55 15.24 2.92
N VAL A 138 -23.24 15.24 1.63
CA VAL A 138 -23.55 14.15 0.73
C VAL A 138 -22.26 13.45 0.31
N VAL A 139 -22.19 12.14 0.62
CA VAL A 139 -21.23 11.22 0.04
C VAL A 139 -21.96 10.62 -1.15
N MET A 140 -21.56 11.02 -2.37
CA MET A 140 -22.22 10.52 -3.55
C MET A 140 -21.46 9.32 -4.03
N SER A 141 -22.14 8.21 -4.24
CA SER A 141 -21.44 6.94 -4.36
C SER A 141 -21.78 6.17 -5.62
N ASN A 142 -20.86 5.31 -5.98
CA ASN A 142 -21.02 4.41 -7.11
C ASN A 142 -20.18 3.19 -6.83
N HIS A 143 -20.74 2.03 -7.14
CA HIS A 143 -20.07 0.75 -6.89
C HIS A 143 -20.19 -0.14 -8.08
N ASP A 144 -19.13 -0.87 -8.35
CA ASP A 144 -19.18 -1.96 -9.30
C ASP A 144 -18.62 -3.17 -8.59
N PHE A 145 -19.49 -4.10 -8.21
CA PHE A 145 -19.09 -5.29 -7.49
C PHE A 145 -18.58 -6.42 -8.37
N HIS A 146 -18.59 -6.20 -9.68
CA HIS A 146 -18.19 -7.25 -10.62
C HIS A 146 -16.87 -7.00 -11.30
N GLN A 147 -16.57 -5.74 -11.61
CA GLN A 147 -15.40 -5.45 -12.41
C GLN A 147 -14.94 -4.01 -12.18
N THR A 148 -13.82 -3.67 -12.80
CA THR A 148 -13.21 -2.35 -12.71
C THR A 148 -13.31 -1.65 -14.06
N PRO A 149 -14.06 -0.53 -14.12
CA PRO A 149 -14.11 0.25 -15.35
C PRO A 149 -12.74 0.85 -15.67
N SER A 150 -12.62 1.39 -16.87
CA SER A 150 -11.40 2.11 -17.22
C SER A 150 -11.16 3.30 -16.30
N ALA A 151 -9.90 3.72 -16.19
CA ALA A 151 -9.57 4.91 -15.41
C ALA A 151 -10.33 6.13 -15.95
N GLU A 152 -10.40 6.25 -17.27
CA GLU A 152 -11.11 7.35 -17.90
C GLU A 152 -12.57 7.39 -17.42
N GLU A 153 -13.23 6.24 -17.43
CA GLU A 153 -14.63 6.17 -17.03
C GLU A 153 -14.80 6.50 -15.55
N MET A 154 -13.88 6.04 -14.71
CA MET A 154 -13.98 6.29 -13.28
C MET A 154 -13.76 7.76 -12.97
N VAL A 155 -12.78 8.39 -13.62
CA VAL A 155 -12.54 9.80 -13.40
C VAL A 155 -13.75 10.62 -13.84
N LEU A 156 -14.32 10.30 -15.00
CA LEU A 156 -15.53 11.01 -15.42
C LEU A 156 -16.66 10.86 -14.41
N ARG A 157 -16.82 9.67 -13.82
CA ARG A 157 -17.87 9.49 -12.82
C ARG A 157 -17.63 10.37 -11.59
N LEU A 158 -16.40 10.42 -11.10
CA LEU A 158 -16.06 11.25 -9.96
C LEU A 158 -16.28 12.74 -10.28
N ARG A 159 -15.91 13.15 -11.49
CA ARG A 159 -16.15 14.52 -11.91
C ARG A 159 -17.64 14.84 -12.00
N LYS A 160 -18.44 13.88 -12.47
CA LYS A 160 -19.87 14.07 -12.56
C LYS A 160 -20.47 14.25 -11.16
N MET A 161 -20.00 13.46 -10.20
CA MET A 161 -20.44 13.61 -8.82
C MET A 161 -20.15 15.00 -8.30
N GLN A 162 -18.95 15.51 -8.57
CA GLN A 162 -18.60 16.88 -8.19
C GLN A 162 -19.55 17.89 -8.83
N ALA A 163 -19.82 17.72 -10.11
CA ALA A 163 -20.69 18.63 -10.83
C ALA A 163 -22.10 18.63 -10.27
N LEU A 164 -22.56 17.48 -9.80
CA LEU A 164 -23.89 17.32 -9.20
C LEU A 164 -23.93 17.75 -7.73
N GLY A 165 -22.83 18.24 -7.18
CA GLY A 165 -22.84 18.84 -5.86
C GLY A 165 -22.44 17.92 -4.74
N ALA A 166 -21.89 16.73 -5.03
CA ALA A 166 -21.41 15.85 -3.98
C ALA A 166 -20.41 16.58 -3.10
N ASP A 167 -20.55 16.45 -1.79
CA ASP A 167 -19.49 16.96 -0.92
C ASP A 167 -18.26 16.07 -0.96
N ILE A 168 -18.50 14.77 -1.07
CA ILE A 168 -17.44 13.76 -1.16
C ILE A 168 -17.85 12.69 -2.19
N PRO A 169 -17.30 12.77 -3.39
CA PRO A 169 -17.45 11.68 -4.37
C PRO A 169 -16.82 10.39 -3.86
N LYS A 170 -17.47 9.26 -4.14
CA LYS A 170 -16.98 7.98 -3.69
CA LYS A 170 -17.04 7.95 -3.64
C LYS A 170 -17.20 6.92 -4.76
N ILE A 171 -16.16 6.16 -5.09
CA ILE A 171 -16.28 5.03 -5.98
C ILE A 171 -15.58 3.81 -5.40
N ALA A 172 -16.23 2.65 -5.56
CA ALA A 172 -15.70 1.36 -5.14
C ALA A 172 -15.90 0.38 -6.28
N VAL A 173 -14.82 -0.30 -6.65
CA VAL A 173 -14.82 -1.19 -7.81
C VAL A 173 -14.14 -2.50 -7.47
N MET A 174 -14.51 -3.54 -8.19
CA MET A 174 -14.01 -4.89 -7.94
C MET A 174 -12.90 -5.22 -8.92
N PRO A 175 -11.69 -5.49 -8.43
CA PRO A 175 -10.65 -5.92 -9.36
C PRO A 175 -10.85 -7.37 -9.79
N GLN A 176 -10.52 -7.64 -11.05
CA GLN A 176 -10.46 -9.01 -11.57
C GLN A 176 -9.01 -9.41 -11.86
N SER A 177 -8.07 -8.54 -11.52
CA SER A 177 -6.64 -8.75 -11.73
C SER A 177 -5.92 -7.72 -10.88
N LYS A 178 -4.63 -7.94 -10.68
CA LYS A 178 -3.80 -6.95 -9.99
C LYS A 178 -3.70 -5.67 -10.80
N HIS A 179 -3.68 -5.78 -12.13
CA HIS A 179 -3.68 -4.61 -12.99
C HIS A 179 -4.86 -3.69 -12.69
N ASP A 180 -6.03 -4.28 -12.45
CA ASP A 180 -7.22 -3.51 -12.14
C ASP A 180 -7.04 -2.67 -10.88
N VAL A 181 -6.24 -3.16 -9.92
CA VAL A 181 -5.98 -2.39 -8.70
C VAL A 181 -5.18 -1.13 -9.05
N LEU A 182 -4.16 -1.29 -9.90
CA LEU A 182 -3.40 -0.14 -10.37
C LEU A 182 -4.27 0.83 -11.17
N THR A 183 -5.22 0.34 -11.95
CA THR A 183 -6.12 1.24 -12.67
C THR A 183 -6.92 2.12 -11.71
N LEU A 184 -7.42 1.53 -10.62
CA LEU A 184 -8.14 2.29 -9.61
C LEU A 184 -7.23 3.34 -8.95
N LEU A 185 -6.00 2.96 -8.61
CA LEU A 185 -5.06 3.93 -8.02
C LEU A 185 -4.75 5.05 -9.00
N THR A 186 -4.60 4.72 -10.27
CA THR A 186 -4.32 5.70 -11.31
C THR A 186 -5.46 6.71 -11.43
N ALA A 187 -6.69 6.23 -11.43
CA ALA A 187 -7.84 7.11 -11.50
C ALA A 187 -7.93 8.00 -10.27
N THR A 188 -7.66 7.44 -9.11
CA THR A 188 -7.68 8.19 -7.86
C THR A 188 -6.68 9.32 -7.91
N LEU A 189 -5.47 9.02 -8.35
CA LEU A 189 -4.41 10.03 -8.40
C LEU A 189 -4.74 11.09 -9.44
N GLU A 190 -5.25 10.70 -10.59
CA GLU A 190 -5.62 11.67 -11.62
C GLU A 190 -6.68 12.63 -11.11
N MET A 191 -7.71 12.05 -10.52
CA MET A 191 -8.78 12.84 -9.97
C MET A 191 -8.22 13.83 -8.97
N GLN A 192 -7.45 13.34 -8.02
CA GLN A 192 -6.97 14.20 -6.94
CA GLN A 192 -6.94 14.17 -6.94
C GLN A 192 -6.05 15.30 -7.45
N GLN A 193 -5.16 14.99 -8.41
CA GLN A 193 -4.19 15.97 -8.84
CA GLN A 193 -4.14 15.92 -8.94
C GLN A 193 -4.69 16.94 -9.93
N HIS A 194 -5.70 16.55 -10.70
CA HIS A 194 -6.12 17.36 -11.85
C HIS A 194 -7.52 17.95 -11.78
N TYR A 195 -8.45 17.30 -11.11
CA TYR A 195 -9.84 17.73 -11.20
C TYR A 195 -10.53 17.97 -9.87
N ALA A 196 -10.11 17.29 -8.81
CA ALA A 196 -10.83 17.37 -7.55
C ALA A 196 -10.66 18.74 -6.91
N ASP A 197 -11.73 19.26 -6.34
CA ASP A 197 -11.64 20.44 -5.45
C ASP A 197 -12.25 20.18 -4.06
N ARG A 198 -12.37 18.91 -3.71
CA ARG A 198 -12.99 18.48 -2.46
C ARG A 198 -12.50 17.06 -2.22
N PRO A 199 -12.77 16.48 -1.04
CA PRO A 199 -12.29 15.14 -0.75
C PRO A 199 -12.98 14.11 -1.63
N VAL A 200 -12.24 13.05 -1.95
CA VAL A 200 -12.78 11.92 -2.70
C VAL A 200 -12.40 10.65 -1.97
N ILE A 201 -13.27 9.64 -2.04
CA ILE A 201 -13.03 8.33 -1.45
C ILE A 201 -13.02 7.32 -2.57
N THR A 202 -11.99 6.49 -2.64
CA THR A 202 -11.97 5.43 -3.62
C THR A 202 -11.46 4.15 -2.99
N MET A 203 -11.84 3.04 -3.61
CA MET A 203 -11.32 1.75 -3.17
CA MET A 203 -11.36 1.75 -3.17
C MET A 203 -11.49 0.70 -4.25
N SER A 204 -10.50 -0.19 -4.30
CA SER A 204 -10.55 -1.43 -5.04
C SER A 204 -10.87 -2.49 -3.99
N MET A 205 -11.92 -3.27 -4.22
CA MET A 205 -12.42 -4.21 -3.25
C MET A 205 -11.60 -5.50 -3.22
N ALA A 206 -11.96 -6.37 -2.29
CA ALA A 206 -11.42 -7.72 -2.16
C ALA A 206 -9.97 -7.74 -1.66
N LYS A 207 -9.45 -8.93 -1.40
CA LYS A 207 -8.08 -9.06 -0.91
C LYS A 207 -7.11 -8.38 -1.88
N GLU A 208 -7.31 -8.61 -3.17
CA GLU A 208 -6.45 -8.04 -4.22
C GLU A 208 -6.33 -6.52 -4.12
N GLY A 209 -7.43 -5.88 -3.75
CA GLY A 209 -7.48 -4.43 -3.69
C GLY A 209 -7.10 -3.80 -2.37
N VAL A 210 -6.72 -4.60 -1.38
CA VAL A 210 -6.47 -4.13 -0.02
CA VAL A 210 -6.57 -4.06 -0.05
C VAL A 210 -5.53 -2.94 0.03
N ILE A 211 -4.50 -2.96 -0.81
CA ILE A 211 -3.55 -1.86 -0.80
C ILE A 211 -4.23 -0.50 -1.01
N SER A 212 -5.31 -0.47 -1.78
CA SER A 212 -6.04 0.78 -2.01
C SER A 212 -6.72 1.33 -0.76
N ARG A 213 -6.96 0.46 0.21
CA ARG A 213 -7.55 0.85 1.49
C ARG A 213 -6.50 1.41 2.44
N LEU A 214 -5.22 1.14 2.14
CA LEU A 214 -4.09 1.52 2.98
C LEU A 214 -3.34 2.73 2.49
N ALA A 215 -3.38 2.99 1.19
CA ALA A 215 -2.52 3.98 0.53
C ALA A 215 -3.23 5.27 0.16
N GLY A 216 -4.35 5.57 0.82
CA GLY A 216 -5.12 6.76 0.52
C GLY A 216 -4.36 8.05 0.67
N GLU A 217 -3.44 8.12 1.64
CA GLU A 217 -2.73 9.36 1.86
C GLU A 217 -1.80 9.64 0.67
N VAL A 218 -1.33 8.58 0.03
CA VAL A 218 -0.41 8.71 -1.10
C VAL A 218 -1.17 9.07 -2.38
N PHE A 219 -2.21 8.31 -2.70
CA PHE A 219 -2.85 8.45 -4.02
C PHE A 219 -4.11 9.31 -4.04
N GLY A 220 -4.63 9.66 -2.87
CA GLY A 220 -5.66 10.67 -2.79
C GLY A 220 -7.05 10.25 -2.41
N SER A 221 -7.16 9.19 -1.61
CA SER A 221 -8.45 8.81 -1.04
C SER A 221 -8.51 9.28 0.41
N ALA A 222 -9.59 9.98 0.74
CA ALA A 222 -9.70 10.71 2.01
C ALA A 222 -10.23 9.87 3.17
N ALA A 223 -10.76 8.68 2.89
CA ALA A 223 -11.31 7.83 3.93
C ALA A 223 -11.26 6.41 3.46
N THR A 224 -11.35 5.51 4.43
CA THR A 224 -11.20 4.11 4.21
C THR A 224 -12.03 3.34 5.24
N PHE A 225 -12.57 2.21 4.82
CA PHE A 225 -13.44 1.40 5.64
C PHE A 225 -12.66 0.28 6.29
N GLY A 226 -12.87 0.11 7.60
CA GLY A 226 -12.35 -1.02 8.33
C GLY A 226 -13.46 -1.81 8.98
N ALA A 227 -13.10 -2.99 9.46
CA ALA A 227 -14.04 -3.91 10.03
C ALA A 227 -13.77 -3.97 11.53
N VAL A 228 -14.83 -3.77 12.31
CA VAL A 228 -14.71 -3.99 13.74
C VAL A 228 -14.67 -5.50 13.98
N LYS A 229 -15.68 -6.21 13.50
CA LYS A 229 -15.72 -7.68 13.53
C LYS A 229 -16.06 -8.29 12.17
N GLN A 230 -17.11 -7.78 11.54
CA GLN A 230 -17.56 -8.23 10.22
C GLN A 230 -17.36 -7.12 9.19
N ALA A 231 -16.83 -7.47 8.03
CA ALA A 231 -16.66 -6.50 6.95
C ALA A 231 -18.01 -6.15 6.34
N SER A 232 -18.18 -4.87 5.98
CA SER A 232 -19.37 -4.44 5.25
C SER A 232 -19.18 -4.42 3.72
N ALA A 233 -17.96 -4.73 3.28
CA ALA A 233 -17.65 -4.95 1.87
C ALA A 233 -16.38 -5.77 1.78
N PRO A 234 -16.22 -6.52 0.69
CA PRO A 234 -15.04 -7.38 0.57
C PRO A 234 -13.72 -6.61 0.60
N GLY A 235 -12.78 -7.10 1.40
CA GLY A 235 -11.44 -6.56 1.45
C GLY A 235 -11.13 -5.68 2.64
N GLN A 236 -12.15 -5.22 3.36
CA GLN A 236 -11.90 -4.44 4.58
C GLN A 236 -11.15 -5.30 5.57
N ILE A 237 -10.18 -4.70 6.25
CA ILE A 237 -9.40 -5.40 7.27
C ILE A 237 -9.73 -4.85 8.65
N ALA A 238 -9.22 -5.54 9.66
CA ALA A 238 -9.46 -5.19 11.04
C ALA A 238 -9.05 -3.75 11.30
N VAL A 239 -9.91 -3.03 11.99
CA VAL A 239 -9.76 -1.60 12.12
C VAL A 239 -8.46 -1.19 12.84
N ASN A 240 -8.02 -1.95 13.85
CA ASN A 240 -6.74 -1.61 14.50
C ASN A 240 -5.54 -1.79 13.57
N ASP A 241 -5.59 -2.80 12.72
CA ASP A 241 -4.53 -3.04 11.75
C ASP A 241 -4.52 -1.94 10.70
N LEU A 242 -5.71 -1.54 10.26
CA LEU A 242 -5.84 -0.43 9.35
C LEU A 242 -5.17 0.82 9.93
N ARG A 243 -5.53 1.15 11.17
CA ARG A 243 -4.98 2.34 11.80
C ARG A 243 -3.45 2.25 11.92
N SER A 244 -2.92 1.06 12.26
CA SER A 244 -1.47 0.90 12.37
C SER A 244 -0.76 1.25 11.08
N VAL A 245 -1.30 0.78 9.95
CA VAL A 245 -0.67 1.05 8.67
C VAL A 245 -0.80 2.51 8.31
N LEU A 246 -1.99 3.09 8.50
CA LEU A 246 -2.17 4.49 8.18
C LEU A 246 -1.18 5.38 8.93
N MET A 247 -0.95 5.07 10.20
N MET A 247 -0.97 5.08 10.22
CA MET A 247 -0.05 5.89 11.02
CA MET A 247 -0.04 5.85 11.04
C MET A 247 1.41 5.74 10.56
C MET A 247 1.39 5.74 10.52
N ILE A 248 1.80 4.52 10.19
CA ILE A 248 3.15 4.29 9.69
C ILE A 248 3.39 5.05 8.38
N LEU A 249 2.43 4.99 7.46
CA LEU A 249 2.54 5.74 6.23
C LEU A 249 2.55 7.25 6.46
N HIS A 250 1.72 7.72 7.38
CA HIS A 250 1.61 9.14 7.66
C HIS A 250 2.91 9.71 8.20
N ASN A 251 3.62 8.91 8.98
CA ASN A 251 4.84 9.34 9.64
C ASN A 251 6.14 8.96 8.94
N ALA A 252 6.03 8.33 7.77
CA ALA A 252 7.20 7.84 7.02
C ALA A 252 8.07 8.98 6.50
N MET B 1 9.24 -19.79 -12.04
CA MET B 1 9.97 -19.02 -11.00
CA MET B 1 9.99 -19.02 -11.02
C MET B 1 11.03 -19.89 -10.35
N LYS B 2 12.31 -19.52 -10.51
CA LYS B 2 13.41 -20.19 -9.84
C LYS B 2 13.69 -19.43 -8.53
N THR B 3 13.15 -19.95 -7.41
CA THR B 3 13.34 -19.31 -6.11
C THR B 3 14.78 -19.45 -5.69
N VAL B 4 15.18 -18.62 -4.74
CA VAL B 4 16.51 -18.64 -4.18
C VAL B 4 16.40 -18.97 -2.70
N THR B 5 16.94 -20.11 -2.31
CA THR B 5 16.91 -20.53 -0.92
C THR B 5 18.31 -20.34 -0.34
N VAL B 6 18.38 -19.49 0.68
CA VAL B 6 19.63 -19.18 1.34
CA VAL B 6 19.64 -19.19 1.35
C VAL B 6 19.44 -19.39 2.84
N LYS B 7 20.19 -20.31 3.43
CA LYS B 7 20.08 -20.63 4.84
C LYS B 7 18.62 -20.77 5.28
N ASN B 8 17.88 -21.57 4.51
CA ASN B 8 16.48 -21.91 4.77
C ASN B 8 15.45 -20.81 4.50
N LEU B 9 15.91 -19.66 4.01
CA LEU B 9 15.03 -18.56 3.64
C LEU B 9 14.70 -18.70 2.17
N ILE B 10 13.42 -18.80 1.83
CA ILE B 10 13.01 -18.95 0.44
C ILE B 10 12.60 -17.60 -0.15
N ILE B 11 13.53 -17.01 -0.90
CA ILE B 11 13.29 -15.73 -1.53
C ILE B 11 12.50 -15.96 -2.81
N GLY B 12 11.37 -15.26 -2.94
CA GLY B 12 10.46 -15.43 -4.05
C GLY B 12 9.15 -16.12 -3.71
N GLU B 13 8.96 -16.46 -2.42
CA GLU B 13 7.69 -17.01 -1.92
C GLU B 13 7.28 -16.25 -0.67
N GLY B 14 5.98 -16.23 -0.40
CA GLY B 14 5.48 -15.67 0.85
C GLY B 14 5.68 -14.17 0.94
N MET B 15 5.88 -13.69 2.17
CA MET B 15 6.10 -12.27 2.42
C MET B 15 7.41 -11.81 1.85
N PRO B 16 7.46 -10.58 1.33
CA PRO B 16 8.75 -10.05 0.93
C PRO B 16 9.72 -10.11 2.09
N LYS B 17 10.97 -10.44 1.80
CA LYS B 17 12.00 -10.57 2.81
C LYS B 17 12.57 -9.20 3.16
N ILE B 18 12.81 -9.02 4.44
CA ILE B 18 13.32 -7.76 4.97
C ILE B 18 14.84 -7.77 4.97
N ILE B 19 15.41 -6.78 4.29
CA ILE B 19 16.85 -6.57 4.26
C ILE B 19 17.19 -5.33 5.06
N VAL B 20 18.20 -5.41 5.92
CA VAL B 20 18.75 -4.22 6.55
C VAL B 20 20.20 -4.09 6.16
N SER B 21 20.69 -2.86 6.13
CA SER B 21 22.05 -2.58 5.74
C SER B 21 22.90 -2.17 6.94
N LEU B 22 24.09 -2.76 7.00
CA LEU B 22 25.11 -2.41 7.98
C LEU B 22 26.10 -1.49 7.25
N MET B 23 26.39 -0.33 7.86
CA MET B 23 27.15 0.73 7.17
C MET B 23 28.37 1.32 7.91
N GLY B 24 28.90 0.60 8.88
CA GLY B 24 30.03 1.09 9.67
C GLY B 24 31.24 1.55 8.87
N ARG B 25 31.84 2.66 9.30
CA ARG B 25 32.95 3.28 8.56
C ARG B 25 34.29 2.62 8.83
N ASP B 26 34.40 1.95 9.96
CA ASP B 26 35.66 1.33 10.35
C ASP B 26 35.38 0.03 11.07
N ILE B 27 36.43 -0.72 11.34
CA ILE B 27 36.28 -2.05 11.89
C ILE B 27 35.59 -2.02 13.26
N ASN B 28 35.93 -1.05 14.10
CA ASN B 28 35.27 -0.96 15.40
C ASN B 28 33.77 -0.69 15.29
N SER B 29 33.37 0.17 14.38
CA SER B 29 31.94 0.43 14.16
C SER B 29 31.23 -0.79 13.54
N VAL B 30 31.89 -1.48 12.63
CA VAL B 30 31.32 -2.70 12.06
C VAL B 30 31.10 -3.74 13.16
N LYS B 31 32.09 -3.90 14.03
CA LYS B 31 31.98 -4.84 15.14
C LYS B 31 30.77 -4.48 16.01
N ALA B 32 30.66 -3.20 16.36
CA ALA B 32 29.58 -2.73 17.22
C ALA B 32 28.21 -2.93 16.58
N GLU B 33 28.08 -2.58 15.30
CA GLU B 33 26.82 -2.75 14.59
C GLU B 33 26.43 -4.21 14.45
N ALA B 34 27.39 -5.06 14.14
CA ALA B 34 27.12 -6.48 13.98
C ALA B 34 26.51 -7.03 15.27
N LEU B 35 27.07 -6.64 16.41
CA LEU B 35 26.56 -7.10 17.68
C LEU B 35 25.17 -6.53 17.98
N ALA B 36 24.98 -5.24 17.71
CA ALA B 36 23.71 -4.56 18.01
C ALA B 36 22.56 -5.01 17.13
N TYR B 37 22.87 -5.35 15.88
CA TYR B 37 21.85 -5.78 14.93
C TYR B 37 21.27 -7.16 15.27
N ARG B 38 21.95 -7.96 16.09
CA ARG B 38 21.50 -9.32 16.40
C ARG B 38 20.08 -9.34 16.96
N GLU B 39 19.70 -8.30 17.69
CA GLU B 39 18.40 -8.25 18.34
C GLU B 39 17.30 -7.64 17.47
N ALA B 40 17.64 -7.03 16.33
CA ALA B 40 16.63 -6.58 15.37
C ALA B 40 16.11 -7.78 14.60
N THR B 41 14.90 -7.68 14.07
CA THR B 41 14.29 -8.79 13.34
C THR B 41 14.21 -8.47 11.85
N PHE B 42 14.89 -9.29 11.06
CA PHE B 42 14.98 -9.10 9.63
C PHE B 42 15.43 -10.42 9.03
N ASP B 43 15.38 -10.51 7.71
CA ASP B 43 15.65 -11.76 7.01
C ASP B 43 17.05 -11.87 6.41
N ILE B 44 17.58 -10.75 5.92
CA ILE B 44 18.84 -10.71 5.20
C ILE B 44 19.62 -9.51 5.71
N LEU B 45 20.91 -9.71 5.95
CA LEU B 45 21.80 -8.62 6.30
C LEU B 45 22.63 -8.24 5.07
N GLU B 46 22.54 -6.98 4.67
CA GLU B 46 23.41 -6.43 3.63
C GLU B 46 24.52 -5.65 4.27
N TRP B 47 25.77 -5.97 3.94
CA TRP B 47 26.90 -5.14 4.31
C TRP B 47 27.17 -4.16 3.18
N ARG B 48 26.97 -2.88 3.45
CA ARG B 48 27.31 -1.82 2.50
C ARG B 48 28.80 -1.48 2.60
N VAL B 49 29.56 -2.22 1.80
CA VAL B 49 31.02 -2.17 1.80
C VAL B 49 31.51 -0.79 1.39
N ASP B 50 30.76 -0.10 0.53
CA ASP B 50 31.20 1.23 0.09
C ASP B 50 31.19 2.27 1.20
N HIS B 51 30.50 1.99 2.31
CA HIS B 51 30.56 2.88 3.48
C HIS B 51 31.79 2.62 4.35
N PHE B 52 32.48 1.51 4.12
CA PHE B 52 33.67 1.14 4.89
C PHE B 52 34.88 1.90 4.36
N MET B 53 35.59 2.57 5.25
CA MET B 53 36.64 3.48 4.79
C MET B 53 38.03 2.86 4.78
N ASP B 54 38.14 1.54 4.89
CA ASP B 54 39.42 0.87 4.67
C ASP B 54 39.28 -0.20 3.60
N ILE B 55 38.51 0.13 2.57
CA ILE B 55 38.41 -0.74 1.41
C ILE B 55 39.71 -0.86 0.63
N ALA B 56 40.70 -0.02 0.95
CA ALA B 56 41.99 -0.12 0.31
C ALA B 56 42.67 -1.47 0.55
N SER B 57 42.36 -2.11 1.67
CA SER B 57 42.98 -3.38 2.05
C SER B 57 41.98 -4.53 1.94
N THR B 58 42.32 -5.51 1.12
CA THR B 58 41.48 -6.68 0.97
C THR B 58 41.39 -7.42 2.31
N GLN B 59 42.50 -7.48 3.04
CA GLN B 59 42.49 -8.10 4.36
C GLN B 59 41.50 -7.39 5.28
N SER B 60 41.52 -6.06 5.29
CA SER B 60 40.62 -5.31 6.15
C SER B 60 39.15 -5.60 5.81
N VAL B 61 38.84 -5.67 4.53
CA VAL B 61 37.48 -5.96 4.07
C VAL B 61 37.05 -7.36 4.49
N LEU B 62 37.90 -8.34 4.26
CA LEU B 62 37.55 -9.71 4.60
C LEU B 62 37.46 -9.92 6.11
N THR B 63 38.27 -9.22 6.89
CA THR B 63 38.18 -9.29 8.34
C THR B 63 36.85 -8.71 8.82
N ALA B 64 36.43 -7.59 8.24
CA ALA B 64 35.12 -7.03 8.56
C ALA B 64 33.99 -8.00 8.21
N ALA B 65 34.07 -8.60 7.03
CA ALA B 65 33.06 -9.60 6.64
C ALA B 65 33.03 -10.75 7.65
N ARG B 66 34.19 -11.20 8.10
CA ARG B 66 34.28 -12.29 9.06
C ARG B 66 33.66 -11.92 10.40
N VAL B 67 33.88 -10.70 10.86
CA VAL B 67 33.25 -10.19 12.09
C VAL B 67 31.72 -10.23 12.00
N ILE B 68 31.20 -9.84 10.85
CA ILE B 68 29.76 -9.85 10.64
C ILE B 68 29.25 -11.29 10.64
N ARG B 69 29.92 -12.16 9.89
CA ARG B 69 29.55 -13.56 9.88
C ARG B 69 29.64 -14.21 11.28
N ASP B 70 30.67 -13.87 12.05
CA ASP B 70 30.83 -14.40 13.41
C ASP B 70 29.64 -14.03 14.28
N ALA B 71 29.17 -12.80 14.16
CA ALA B 71 28.06 -12.29 14.98
C ALA B 71 26.72 -12.88 14.58
N MET B 72 26.57 -13.20 13.29
CA MET B 72 25.29 -13.66 12.77
C MET B 72 25.50 -14.87 11.84
N PRO B 73 25.84 -16.02 12.44
CA PRO B 73 26.19 -17.22 11.66
C PRO B 73 25.05 -17.79 10.80
N ASP B 74 23.80 -17.52 11.16
CA ASP B 74 22.66 -18.15 10.52
C ASP B 74 21.86 -17.21 9.64
N ILE B 75 22.36 -15.99 9.47
CA ILE B 75 21.67 -14.99 8.66
C ILE B 75 22.21 -15.02 7.24
N PRO B 76 21.33 -14.99 6.24
CA PRO B 76 21.80 -14.72 4.88
C PRO B 76 22.55 -13.39 4.83
N LEU B 77 23.78 -13.40 4.30
CA LEU B 77 24.64 -12.22 4.27
C LEU B 77 24.92 -11.83 2.83
N LEU B 78 24.58 -10.60 2.49
CA LEU B 78 24.73 -10.01 1.18
C LEU B 78 25.85 -8.96 1.22
N PHE B 79 26.86 -9.16 0.38
CA PHE B 79 28.00 -8.24 0.26
C PHE B 79 27.72 -7.27 -0.87
N THR B 80 27.61 -5.97 -0.54
CA THR B 80 27.29 -4.95 -1.53
C THR B 80 28.25 -3.80 -1.50
N PHE B 81 29.06 -3.68 -2.55
CA PHE B 81 29.77 -2.44 -2.81
C PHE B 81 28.94 -1.65 -3.83
N ARG B 82 28.27 -0.61 -3.37
CA ARG B 82 27.50 0.25 -4.28
C ARG B 82 28.47 1.24 -4.89
N SER B 83 28.61 1.21 -6.21
CA SER B 83 29.54 2.10 -6.89
C SER B 83 29.10 3.55 -6.77
N ALA B 84 30.05 4.46 -6.83
CA ALA B 84 29.75 5.89 -6.82
C ALA B 84 28.84 6.25 -7.98
N LYS B 85 29.11 5.65 -9.13
CA LYS B 85 28.32 5.86 -10.34
C LYS B 85 26.82 5.61 -10.07
N GLU B 86 26.51 4.60 -9.26
CA GLU B 86 25.13 4.27 -8.92
C GLU B 86 24.72 4.65 -7.51
N GLY B 87 25.31 5.73 -6.99
CA GLY B 87 24.83 6.34 -5.75
C GLY B 87 25.56 5.96 -4.48
N GLY B 88 26.66 5.22 -4.60
CA GLY B 88 27.43 4.78 -3.45
C GLY B 88 28.35 5.86 -2.90
N GLU B 89 29.07 5.51 -1.83
CA GLU B 89 29.81 6.49 -1.01
C GLU B 89 31.20 6.86 -1.50
N GLN B 90 31.80 6.05 -2.35
CA GLN B 90 33.16 6.34 -2.79
C GLN B 90 33.49 5.69 -4.12
N THR B 91 34.37 6.34 -4.86
CA THR B 91 34.76 5.89 -6.17
C THR B 91 35.99 4.97 -6.06
N ILE B 92 35.89 3.78 -6.62
CA ILE B 92 37.04 2.89 -6.80
C ILE B 92 37.10 2.40 -8.23
N THR B 93 38.27 1.92 -8.64
CA THR B 93 38.40 1.41 -9.99
C THR B 93 37.55 0.17 -10.21
N THR B 94 37.23 -0.11 -11.47
CA THR B 94 36.48 -1.32 -11.82
C THR B 94 37.24 -2.57 -11.37
N GLN B 95 38.56 -2.60 -11.57
CA GLN B 95 39.30 -3.79 -11.15
C GLN B 95 39.29 -3.95 -9.65
N HIS B 96 39.32 -2.85 -8.90
CA HIS B 96 39.24 -2.94 -7.46
C HIS B 96 37.87 -3.49 -7.05
N TYR B 97 36.81 -3.00 -7.68
CA TYR B 97 35.45 -3.49 -7.44
C TYR B 97 35.34 -5.00 -7.70
N LEU B 98 35.86 -5.45 -8.83
CA LEU B 98 35.79 -6.86 -9.15
C LEU B 98 36.64 -7.72 -8.21
N THR B 99 37.82 -7.22 -7.82
CA THR B 99 38.67 -7.96 -6.90
C THR B 99 38.00 -8.14 -5.54
N LEU B 100 37.38 -7.08 -5.01
CA LEU B 100 36.68 -7.18 -3.74
C LEU B 100 35.57 -8.21 -3.80
N ASN B 101 34.79 -8.18 -4.88
CA ASN B 101 33.71 -9.13 -5.04
C ASN B 101 34.20 -10.56 -5.21
N ARG B 102 35.26 -10.76 -6.00
CA ARG B 102 35.84 -12.10 -6.14
C ARG B 102 36.36 -12.64 -4.79
N ALA B 103 37.04 -11.78 -4.04
CA ALA B 103 37.53 -12.19 -2.72
C ALA B 103 36.39 -12.52 -1.77
N ALA B 104 35.32 -11.73 -1.81
CA ALA B 104 34.14 -12.03 -1.00
C ALA B 104 33.58 -13.39 -1.40
N ILE B 105 33.43 -13.62 -2.69
CA ILE B 105 32.88 -14.85 -3.20
C ILE B 105 33.69 -16.06 -2.71
N ASP B 106 35.00 -16.03 -2.89
CA ASP B 106 35.79 -17.24 -2.65
C ASP B 106 36.18 -17.42 -1.18
N SER B 107 35.85 -16.44 -0.35
CA SER B 107 36.10 -16.52 1.10
C SER B 107 35.17 -17.47 1.82
N GLY B 108 34.01 -17.72 1.22
CA GLY B 108 32.96 -18.47 1.89
C GLY B 108 32.22 -17.71 2.98
N LEU B 109 32.56 -16.44 3.20
CA LEU B 109 31.96 -15.68 4.30
C LEU B 109 30.57 -15.13 4.00
N VAL B 110 30.23 -15.01 2.73
CA VAL B 110 28.96 -14.41 2.34
C VAL B 110 28.14 -15.35 1.47
N ASP B 111 26.83 -15.18 1.55
CA ASP B 111 25.90 -16.02 0.80
C ASP B 111 25.54 -15.44 -0.55
N MET B 112 25.63 -14.12 -0.67
CA MET B 112 25.18 -13.39 -1.83
C MET B 112 26.11 -12.21 -2.05
N ILE B 113 26.26 -11.81 -3.31
CA ILE B 113 26.91 -10.54 -3.65
C ILE B 113 26.00 -9.74 -4.55
N ASP B 114 26.16 -8.43 -4.46
CA ASP B 114 25.52 -7.49 -5.35
C ASP B 114 26.47 -7.19 -6.50
N LEU B 115 25.97 -7.27 -7.72
CA LEU B 115 26.77 -6.93 -8.89
C LEU B 115 25.96 -5.97 -9.74
N GLU B 116 26.55 -4.85 -10.13
CA GLU B 116 25.81 -3.87 -10.91
C GLU B 116 25.75 -4.24 -12.38
N LEU B 117 24.52 -4.24 -12.91
CA LEU B 117 24.25 -4.59 -14.29
C LEU B 117 25.18 -3.91 -15.28
N PHE B 118 25.37 -2.60 -15.14
CA PHE B 118 26.11 -1.87 -16.16
C PHE B 118 27.60 -1.72 -15.86
N THR B 119 28.14 -2.69 -15.11
CA THR B 119 29.58 -2.77 -14.88
C THR B 119 30.33 -3.08 -16.19
N GLY B 120 29.66 -3.75 -17.13
CA GLY B 120 30.25 -4.20 -18.39
C GLY B 120 29.91 -5.67 -18.59
N ASP B 121 29.36 -6.04 -19.75
CA ASP B 121 28.76 -7.36 -19.91
C ASP B 121 29.75 -8.50 -19.67
N ALA B 122 30.96 -8.38 -20.20
CA ALA B 122 31.95 -9.44 -20.04
C ALA B 122 32.35 -9.61 -18.58
N ASP B 123 32.58 -8.50 -17.89
CA ASP B 123 32.94 -8.55 -16.47
C ASP B 123 31.79 -9.06 -15.61
N VAL B 124 30.57 -8.66 -15.93
CA VAL B 124 29.40 -9.18 -15.22
C VAL B 124 29.29 -10.69 -15.40
N LYS B 125 29.36 -11.16 -16.65
CA LYS B 125 29.25 -12.60 -16.88
C LYS B 125 30.34 -13.38 -16.17
N ALA B 126 31.57 -12.87 -16.21
CA ALA B 126 32.69 -13.57 -15.56
C ALA B 126 32.46 -13.65 -14.06
N THR B 127 31.96 -12.57 -13.47
CA THR B 127 31.78 -12.53 -12.02
C THR B 127 30.57 -13.36 -11.59
N VAL B 128 29.51 -13.38 -12.39
CA VAL B 128 28.37 -14.26 -12.12
C VAL B 128 28.82 -15.72 -12.14
N ASP B 129 29.59 -16.08 -13.15
CA ASP B 129 30.10 -17.44 -13.26
C ASP B 129 30.95 -17.81 -12.04
N TYR B 130 31.79 -16.89 -11.60
CA TYR B 130 32.66 -17.15 -10.46
C TYR B 130 31.83 -17.32 -9.19
N ALA B 131 30.83 -16.45 -9.00
CA ALA B 131 29.92 -16.58 -7.86
C ALA B 131 29.28 -17.96 -7.85
N HIS B 132 28.75 -18.38 -9.00
CA HIS B 132 28.06 -19.65 -9.08
C HIS B 132 29.00 -20.83 -8.86
N ALA B 133 30.25 -20.70 -9.30
CA ALA B 133 31.25 -21.75 -9.07
C ALA B 133 31.54 -21.95 -7.59
N HIS B 134 31.30 -20.94 -6.78
CA HIS B 134 31.55 -20.98 -5.34
C HIS B 134 30.28 -20.91 -4.49
N ASN B 135 29.15 -21.26 -5.10
CA ASN B 135 27.86 -21.35 -4.40
C ASN B 135 27.47 -20.05 -3.72
N VAL B 136 27.65 -18.95 -4.45
CA VAL B 136 27.21 -17.63 -4.03
C VAL B 136 26.17 -17.14 -5.03
N TYR B 137 25.06 -16.62 -4.49
CA TYR B 137 24.00 -16.08 -5.34
C TYR B 137 24.29 -14.62 -5.69
N VAL B 138 23.79 -14.19 -6.85
CA VAL B 138 24.00 -12.84 -7.33
C VAL B 138 22.70 -12.04 -7.35
N VAL B 139 22.69 -10.93 -6.59
CA VAL B 139 21.70 -9.88 -6.70
C VAL B 139 22.27 -8.92 -7.71
N MET B 140 21.65 -8.82 -8.88
CA MET B 140 22.18 -7.94 -9.92
C MET B 140 21.37 -6.65 -9.89
N SER B 141 22.04 -5.51 -9.87
CA SER B 141 21.38 -4.27 -9.48
C SER B 141 21.53 -3.17 -10.53
N ASN B 142 20.52 -2.30 -10.54
CA ASN B 142 20.54 -1.09 -11.31
C ASN B 142 19.79 -0.03 -10.52
N HIS B 143 20.28 1.20 -10.61
CA HIS B 143 19.69 2.33 -9.91
C HIS B 143 19.56 3.52 -10.81
N ASP B 144 18.51 4.30 -10.60
CA ASP B 144 18.40 5.63 -11.15
C ASP B 144 18.04 6.54 -9.99
N PHE B 145 19.02 7.30 -9.53
CA PHE B 145 18.84 8.21 -8.40
C PHE B 145 18.32 9.59 -8.79
N HIS B 146 18.12 9.82 -10.09
CA HIS B 146 17.62 11.09 -10.59
C HIS B 146 16.16 11.08 -10.95
N GLN B 147 15.70 9.97 -11.52
CA GLN B 147 14.36 9.93 -12.11
C GLN B 147 13.91 8.50 -12.21
N THR B 148 12.68 8.35 -12.67
CA THR B 148 12.10 7.03 -12.92
C THR B 148 12.07 6.81 -14.43
N PRO B 149 12.80 5.80 -14.92
CA PRO B 149 12.71 5.45 -16.33
C PRO B 149 11.30 4.98 -16.68
N SER B 150 11.00 4.86 -17.96
CA SER B 150 9.71 4.29 -18.35
C SER B 150 9.58 2.87 -17.82
N ALA B 151 8.35 2.40 -17.67
CA ALA B 151 8.11 1.05 -17.20
C ALA B 151 8.75 0.04 -18.14
N GLU B 152 8.70 0.35 -19.42
CA GLU B 152 9.24 -0.54 -20.42
C GLU B 152 10.76 -0.62 -20.32
N GLU B 153 11.42 0.50 -20.03
CA GLU B 153 12.88 0.47 -19.85
C GLU B 153 13.27 -0.29 -18.57
N MET B 154 12.48 -0.15 -17.52
CA MET B 154 12.76 -0.90 -16.29
C MET B 154 12.63 -2.40 -16.52
N VAL B 155 11.57 -2.82 -17.22
CA VAL B 155 11.41 -4.21 -17.59
C VAL B 155 12.56 -4.70 -18.47
N LEU B 156 12.98 -3.90 -19.42
CA LEU B 156 14.12 -4.24 -20.27
C LEU B 156 15.35 -4.58 -19.42
N ARG B 157 15.65 -3.74 -18.44
CA ARG B 157 16.81 -3.94 -17.60
C ARG B 157 16.70 -5.17 -16.73
N LEU B 158 15.54 -5.37 -16.13
CA LEU B 158 15.34 -6.55 -15.30
C LEU B 158 15.46 -7.83 -16.13
N ARG B 159 14.95 -7.81 -17.35
CA ARG B 159 15.10 -8.97 -18.23
C ARG B 159 16.55 -9.18 -18.64
N LYS B 160 17.31 -8.10 -18.86
CA LYS B 160 18.74 -8.21 -19.17
C LYS B 160 19.48 -8.87 -18.02
N MET B 161 19.10 -8.54 -16.79
CA MET B 161 19.74 -9.17 -15.63
C MET B 161 19.49 -10.66 -15.62
N GLN B 162 18.26 -11.06 -15.90
CA GLN B 162 17.95 -12.47 -16.05
C GLN B 162 18.82 -13.10 -17.14
N ALA B 163 18.94 -12.43 -18.29
CA ALA B 163 19.76 -12.95 -19.39
C ALA B 163 21.23 -13.12 -19.02
N LEU B 164 21.74 -12.24 -18.15
CA LEU B 164 23.14 -12.33 -17.68
C LEU B 164 23.34 -13.29 -16.51
N GLY B 165 22.30 -14.00 -16.10
CA GLY B 165 22.42 -15.02 -15.08
C GLY B 165 22.16 -14.58 -13.64
N ALA B 166 21.64 -13.39 -13.43
CA ALA B 166 21.32 -12.94 -12.08
C ALA B 166 20.40 -13.93 -11.40
N ASP B 167 20.64 -14.22 -10.13
CA ASP B 167 19.69 -14.99 -9.34
C ASP B 167 18.50 -14.13 -8.93
N ILE B 168 18.77 -12.86 -8.61
CA ILE B 168 17.73 -11.91 -8.19
C ILE B 168 18.01 -10.56 -8.83
N PRO B 169 17.31 -10.23 -9.92
CA PRO B 169 17.36 -8.87 -10.45
C PRO B 169 16.82 -7.85 -9.44
N LYS B 170 17.40 -6.66 -9.43
CA LYS B 170 17.05 -5.60 -8.49
C LYS B 170 17.11 -4.25 -9.20
N ILE B 171 16.06 -3.46 -9.06
CA ILE B 171 16.08 -2.10 -9.57
C ILE B 171 15.50 -1.15 -8.53
N ALA B 172 16.16 0.00 -8.37
CA ALA B 172 15.70 1.07 -7.49
C ALA B 172 15.72 2.37 -8.28
N VAL B 173 14.62 3.10 -8.24
CA VAL B 173 14.47 4.31 -9.04
C VAL B 173 13.88 5.42 -8.19
N MET B 174 14.12 6.65 -8.61
CA MET B 174 13.74 7.83 -7.86
C MET B 174 12.49 8.46 -8.44
N PRO B 175 11.40 8.54 -7.66
CA PRO B 175 10.21 9.19 -8.18
C PRO B 175 10.35 10.71 -8.12
N GLN B 176 9.89 11.39 -9.16
CA GLN B 176 9.73 12.84 -9.14
C GLN B 176 8.28 13.24 -8.87
N SER B 177 7.40 12.25 -8.77
CA SER B 177 5.96 12.47 -8.64
C SER B 177 5.33 11.19 -8.14
N LYS B 178 4.11 11.29 -7.65
CA LYS B 178 3.37 10.10 -7.25
C LYS B 178 3.10 9.20 -8.46
N HIS B 179 2.89 9.82 -9.62
CA HIS B 179 2.71 9.05 -10.84
C HIS B 179 3.88 8.10 -11.09
N ASP B 180 5.11 8.59 -10.85
CA ASP B 180 6.30 7.76 -11.03
C ASP B 180 6.30 6.52 -10.13
N VAL B 181 5.68 6.62 -8.95
CA VAL B 181 5.58 5.48 -8.06
C VAL B 181 4.71 4.40 -8.70
N LEU B 182 3.59 4.82 -9.29
CA LEU B 182 2.76 3.88 -10.02
C LEU B 182 3.47 3.25 -11.21
N THR B 183 4.33 4.01 -11.89
CA THR B 183 5.11 3.44 -12.99
C THR B 183 6.00 2.29 -12.50
N LEU B 184 6.66 2.50 -11.37
CA LEU B 184 7.49 1.45 -10.79
C LEU B 184 6.65 0.22 -10.41
N LEU B 185 5.48 0.41 -9.80
CA LEU B 185 4.62 -0.71 -9.46
C LEU B 185 4.13 -1.44 -10.71
N THR B 186 3.83 -0.67 -11.75
CA THR B 186 3.41 -1.24 -13.02
C THR B 186 4.49 -2.13 -13.63
N ALA B 187 5.73 -1.65 -13.62
CA ALA B 187 6.84 -2.46 -14.15
C ALA B 187 7.03 -3.73 -13.33
N THR B 188 6.90 -3.61 -12.02
CA THR B 188 7.03 -4.74 -11.12
C THR B 188 5.99 -5.80 -11.46
N LEU B 189 4.75 -5.36 -11.62
CA LEU B 189 3.68 -6.29 -11.93
C LEU B 189 3.89 -6.94 -13.30
N GLU B 190 4.37 -6.16 -14.27
CA GLU B 190 4.63 -6.72 -15.60
C GLU B 190 5.63 -7.88 -15.52
N MET B 191 6.63 -7.78 -14.65
CA MET B 191 7.53 -8.93 -14.40
C MET B 191 6.81 -10.14 -13.79
N GLN B 192 6.00 -9.90 -12.77
CA GLN B 192 5.25 -10.96 -12.09
C GLN B 192 4.34 -11.71 -13.05
N GLN B 193 3.70 -10.99 -13.96
CA GLN B 193 2.71 -11.55 -14.84
C GLN B 193 3.31 -12.14 -16.10
N HIS B 194 4.43 -11.62 -16.58
CA HIS B 194 4.89 -11.97 -17.92
C HIS B 194 6.32 -12.43 -18.07
N TYR B 195 7.19 -12.13 -17.10
CA TYR B 195 8.61 -12.44 -17.13
CA TYR B 195 8.61 -12.44 -17.32
C TYR B 195 9.04 -12.92 -15.71
C TYR B 195 9.33 -13.17 -16.24
N ALA B 196 8.32 -13.93 -15.19
N ALA B 196 9.35 -12.54 -15.09
CA ALA B 196 8.44 -14.36 -13.78
CA ALA B 196 10.18 -13.05 -14.07
C ALA B 196 9.40 -15.53 -13.59
C ALA B 196 10.08 -14.56 -14.17
N ASP B 197 10.56 -15.46 -14.24
N ASP B 197 11.24 -15.21 -14.21
CA ASP B 197 11.50 -16.56 -14.19
CA ASP B 197 11.32 -16.64 -14.01
C ASP B 197 12.30 -16.60 -12.89
C ASP B 197 12.20 -16.84 -12.80
N ARG B 198 12.49 -15.47 -12.22
N ARG B 198 12.21 -15.82 -11.95
CA ARG B 198 13.15 -15.51 -10.92
CA ARG B 198 12.99 -15.82 -10.74
C ARG B 198 12.62 -14.41 -10.02
C ARG B 198 12.60 -14.55 -9.99
N PRO B 199 13.01 -14.42 -8.72
CA PRO B 199 12.55 -13.35 -7.87
C PRO B 199 13.16 -12.02 -8.30
N VAL B 200 12.39 -10.94 -8.26
CA VAL B 200 12.90 -9.60 -8.52
C VAL B 200 12.62 -8.72 -7.33
N ILE B 201 13.52 -7.77 -7.10
CA ILE B 201 13.39 -6.77 -6.06
C ILE B 201 13.24 -5.42 -6.74
N THR B 202 12.20 -4.69 -6.38
CA THR B 202 12.02 -3.36 -6.95
C THR B 202 11.67 -2.37 -5.86
N MET B 203 12.01 -1.12 -6.07
CA MET B 203 11.58 -0.06 -5.17
CA MET B 203 11.58 -0.06 -5.17
C MET B 203 11.64 1.29 -5.84
N SER B 204 10.70 2.13 -5.45
CA SER B 204 10.70 3.55 -5.72
C SER B 204 11.20 4.18 -4.42
N MET B 205 12.27 4.97 -4.54
CA MET B 205 12.90 5.54 -3.36
CA MET B 205 12.98 5.60 -3.43
C MET B 205 12.19 6.81 -2.87
N ALA B 206 12.72 7.37 -1.79
CA ALA B 206 12.24 8.60 -1.17
C ALA B 206 10.88 8.46 -0.51
N LYS B 207 10.43 9.52 0.15
CA LYS B 207 9.16 9.50 0.86
C LYS B 207 8.00 9.10 -0.06
N GLU B 208 7.95 9.65 -1.26
CA GLU B 208 6.83 9.36 -2.15
C GLU B 208 6.77 7.90 -2.53
N GLY B 209 7.93 7.26 -2.60
CA GLY B 209 7.99 5.86 -2.98
C GLY B 209 7.76 4.85 -1.88
N VAL B 210 7.54 5.29 -0.63
CA VAL B 210 7.49 4.37 0.50
C VAL B 210 6.48 3.25 0.28
N ILE B 211 5.32 3.54 -0.33
CA ILE B 211 4.33 2.49 -0.53
C ILE B 211 4.92 1.32 -1.32
N SER B 212 5.88 1.55 -2.21
CA SER B 212 6.51 0.48 -2.97
C SER B 212 7.34 -0.48 -2.11
N ARG B 213 7.78 0.00 -0.95
CA ARG B 213 8.53 -0.81 -0.01
C ARG B 213 7.58 -1.66 0.84
N LEU B 214 6.30 -1.32 0.83
CA LEU B 214 5.29 -1.99 1.64
C LEU B 214 4.44 -2.98 0.84
N ALA B 215 4.31 -2.76 -0.48
CA ALA B 215 3.35 -3.49 -1.32
C ALA B 215 3.97 -4.57 -2.20
N GLY B 216 5.13 -5.07 -1.80
CA GLY B 216 5.84 -6.06 -2.59
C GLY B 216 5.08 -7.35 -2.78
N GLU B 217 4.29 -7.76 -1.80
CA GLU B 217 3.61 -9.04 -1.92
C GLU B 217 2.55 -8.96 -3.01
N VAL B 218 1.89 -7.81 -3.13
CA VAL B 218 0.82 -7.62 -4.10
C VAL B 218 1.36 -7.60 -5.53
N PHE B 219 2.36 -6.78 -5.77
CA PHE B 219 2.79 -6.53 -7.14
C PHE B 219 4.02 -7.30 -7.60
N GLY B 220 4.75 -7.92 -6.66
CA GLY B 220 5.78 -8.87 -7.01
C GLY B 220 7.22 -8.47 -6.74
N SER B 221 7.48 -7.73 -5.67
CA SER B 221 8.85 -7.49 -5.21
C SER B 221 9.16 -8.46 -4.09
N ALA B 222 10.25 -9.20 -4.24
CA ALA B 222 10.58 -10.31 -3.35
C ALA B 222 11.27 -9.90 -2.06
N ALA B 223 11.73 -8.65 -1.97
CA ALA B 223 12.40 -8.18 -0.75
C ALA B 223 12.26 -6.67 -0.68
N THR B 224 12.52 -6.16 0.51
CA THR B 224 12.34 -4.77 0.82
C THR B 224 13.31 -4.38 1.94
N PHE B 225 13.80 -3.15 1.87
CA PHE B 225 14.80 -2.66 2.82
C PHE B 225 14.18 -1.82 3.92
N GLY B 226 14.56 -2.13 5.15
CA GLY B 226 14.22 -1.32 6.31
C GLY B 226 15.47 -0.80 6.99
N ALA B 227 15.26 0.13 7.91
CA ALA B 227 16.35 0.79 8.62
C ALA B 227 16.38 0.31 10.05
N VAL B 228 17.55 -0.10 10.53
CA VAL B 228 17.71 -0.40 11.95
C VAL B 228 17.82 0.92 12.71
N LYS B 229 18.80 1.74 12.33
N LYS B 229 18.72 1.81 12.29
CA LYS B 229 18.99 3.08 12.86
CA LYS B 229 18.83 3.15 12.90
C LYS B 229 18.89 4.06 11.71
C LYS B 229 19.06 4.27 11.87
N GLN B 230 19.93 4.06 10.88
CA GLN B 230 20.05 4.98 9.75
C GLN B 230 19.62 4.28 8.48
N ALA B 231 18.95 5.00 7.58
CA ALA B 231 18.57 4.44 6.30
C ALA B 231 19.77 4.34 5.37
N SER B 232 19.81 3.28 4.56
CA SER B 232 20.84 3.12 3.54
C SER B 232 20.40 3.62 2.16
N ALA B 233 19.16 4.09 2.06
CA ALA B 233 18.67 4.77 0.87
C ALA B 233 17.45 5.57 1.27
N PRO B 234 17.15 6.66 0.53
CA PRO B 234 16.00 7.48 0.88
C PRO B 234 14.69 6.68 0.86
N GLY B 235 13.85 6.89 1.87
CA GLY B 235 12.51 6.31 1.93
C GLY B 235 12.37 5.07 2.80
N GLN B 236 13.47 4.45 3.21
CA GLN B 236 13.40 3.32 4.13
C GLN B 236 12.83 3.79 5.46
N ILE B 237 11.96 2.95 6.05
CA ILE B 237 11.37 3.19 7.34
C ILE B 237 11.92 2.19 8.37
N ALA B 238 11.59 2.45 9.63
CA ALA B 238 12.06 1.62 10.73
C ALA B 238 11.67 0.18 10.48
N VAL B 239 12.65 -0.70 10.67
CA VAL B 239 12.47 -2.08 10.29
C VAL B 239 11.29 -2.76 11.00
N ASN B 240 11.04 -2.42 12.27
CA ASN B 240 9.91 -3.03 12.96
C ASN B 240 8.55 -2.57 12.41
N ASP B 241 8.48 -1.32 11.98
CA ASP B 241 7.27 -0.80 11.35
C ASP B 241 7.05 -1.44 9.99
N LEU B 242 8.13 -1.60 9.24
CA LEU B 242 8.06 -2.31 7.97
C LEU B 242 7.49 -3.71 8.17
N ARG B 243 8.03 -4.45 9.13
CA ARG B 243 7.60 -5.79 9.40
C ARG B 243 6.11 -5.82 9.78
N SER B 244 5.69 -4.89 10.63
CA SER B 244 4.27 -4.81 11.03
C SER B 244 3.34 -4.66 9.82
N VAL B 245 3.71 -3.81 8.88
CA VAL B 245 2.89 -3.59 7.70
C VAL B 245 2.92 -4.82 6.79
N LEU B 246 4.09 -5.40 6.57
CA LEU B 246 4.16 -6.60 5.73
C LEU B 246 3.26 -7.71 6.27
N MET B 247 3.24 -7.88 7.58
CA MET B 247 2.43 -8.93 8.18
C MET B 247 0.95 -8.65 8.00
N ILE B 248 0.54 -7.40 8.14
CA ILE B 248 -0.86 -7.04 7.96
C ILE B 248 -1.28 -7.30 6.52
N LEU B 249 -0.46 -6.89 5.56
CA LEU B 249 -0.78 -7.14 4.16
C LEU B 249 -0.81 -8.63 3.83
N HIS B 250 0.12 -9.40 4.40
CA HIS B 250 0.19 -10.83 4.15
C HIS B 250 -1.05 -11.56 4.63
N ASN B 251 -1.57 -11.12 5.77
CA ASN B 251 -2.66 -11.82 6.42
C ASN B 251 -4.04 -11.26 6.12
N ALA B 252 -4.12 -10.16 5.38
CA ALA B 252 -5.39 -9.52 5.07
C ALA B 252 -6.30 -10.47 4.30
OAA 9C4 C . -16.08 -1.17 -0.13
CAI 9C4 C . -16.41 -0.63 0.95
OAB 9C4 C . -15.65 -0.44 1.93
CAN 9C4 C . -17.85 -0.16 1.05
OAG 9C4 C . -18.65 -0.83 0.07
CAH 9C4 C . -18.42 -0.44 2.44
CAJ 9C4 C . -19.87 0.07 2.52
OAC 9C4 C . -20.43 -0.20 3.85
CAK 9C4 C . -19.91 1.58 2.22
OAD 9C4 C . -21.25 2.01 2.12
CAL 9C4 C . -19.27 1.90 0.88
OAE 9C4 C . -19.22 3.35 0.68
CAM 9C4 C . -17.86 1.30 0.75
OAF 9C4 C . -17.41 1.50 -0.60
NA NA D . -24.31 -7.27 12.89
NA NA E . -26.46 18.80 10.52
NA NA F . -37.56 20.48 6.31
NA NA G . -28.76 6.35 1.73
OAA 9C4 H . 16.66 1.77 -2.07
CAI 9C4 H . 17.17 0.88 -1.33
OAB 9C4 H . 16.61 0.34 -0.35
CAN 9C4 H . 18.62 0.47 -1.62
OAG 9C4 H . 19.23 1.46 -2.48
CAH 9C4 H . 19.41 0.31 -0.32
CAJ 9C4 H . 20.85 -0.15 -0.62
OAC 9C4 H . 21.63 -0.29 0.59
CAK 9C4 H . 20.84 -1.49 -1.36
OAD 9C4 H . 22.17 -1.80 -1.77
CAL 9C4 H . 20.00 -1.41 -2.61
OAE 9C4 H . 19.88 -2.76 -3.12
CAM 9C4 H . 18.60 -0.86 -2.36
OAF 9C4 H . 17.97 -0.68 -3.64
NA NA I . 38.89 -19.54 -6.02
NA NA J . 33.01 3.20 -7.70
NA NA K . 29.38 -5.65 -4.60
CL CL L . 39.64 -14.62 -8.19
#